data_2EJ1
#
_entry.id   2EJ1
#
_cell.length_a   47.898
_cell.length_b   59.095
_cell.length_c   171.330
_cell.angle_alpha   90.00
_cell.angle_beta   90.00
_cell.angle_gamma   90.00
#
_symmetry.space_group_name_H-M   'P 21 21 21'
#
loop_
_entity.id
_entity.type
_entity.pdbx_description
1 polymer Endoglucanase
2 branched beta-D-glucopyranose-(1-4)-beta-D-glucopyranose-(1-4)-beta-D-glucopyranose-(1-4)-beta-D-glucopyranose-(1-4)-beta-D-glucopyranose-(1-4)-beta-D-glucopyranose
3 non-polymer GLYCEROL
4 non-polymer 'ZINC ION'
5 non-polymer 'CALCIUM ION'
6 non-polymer 'CHLORIDE ION'
7 water water
#
_entity_poly.entity_id   1
_entity_poly.type   'polypeptide(L)'
_entity_poly.pdbx_seq_one_letter_code
;GSRSEPAKVVDIRIDTSAERKPISPYIYGSNQELDATVTAKRFGGNRTTGYNWENNFSNAGSDWLHYSDTYLLEDGGVPK
GEWSTPASVVTTFHDKALSKNVPYTLITLQAAGYVSADGNGPVSQEETAPSSRWKEVKFEKGAPFSLTPDTEDDYVYMDE
FVNYLVNKYGNASTPTGIKGYSIDNQPALWSHTHPRIHPDNVTAKELIEKSVALSKAVKKVDPYAEIFGPALYGFAAYET
LQSAPDWGTEGEGYRWFIDYYLDKMKKASDEEGKRLLDVLDVHWYPEARGGGERICFGADPRNIETNKARLQAPRTLWDP
TYIEDSWIGQWKKDFLPILPNLLDSIEKYYPGTKLAITEYDYGGGNHITGGIAQADVLGIFGKYGVYLATFWGDASNNYT
EAGINLYTNYDGKGGKFGDTSVKCETSDIEVSSAYASIVGEDDSKLHIILLNKNYDQPTTFNFSIDSSKNYTIGNVWAFD
RGSSNITQRTPIVNIKDNTFTYTVPALTACHIVLEAAEP
;
_entity_poly.pdbx_strand_id   A
#
# COMPACT_ATOMS: atom_id res chain seq x y z
N ALA A 7 10.79 36.72 2.96
CA ALA A 7 11.73 35.62 3.32
C ALA A 7 11.06 34.64 4.28
N LYS A 8 10.77 33.44 3.80
CA LYS A 8 10.14 32.41 4.63
C LYS A 8 11.18 31.65 5.43
N VAL A 9 11.02 31.68 6.75
CA VAL A 9 11.95 30.99 7.66
C VAL A 9 11.22 29.97 8.52
N VAL A 10 11.75 28.76 8.55
CA VAL A 10 11.15 27.66 9.30
C VAL A 10 12.17 26.97 10.21
N ASP A 11 11.76 26.67 11.44
CA ASP A 11 12.65 26.00 12.37
C ASP A 11 12.37 24.50 12.39
N ILE A 12 13.43 23.70 12.32
CA ILE A 12 13.29 22.25 12.37
C ILE A 12 14.05 21.78 13.61
N ARG A 13 13.37 21.07 14.51
CA ARG A 13 14.00 20.57 15.72
C ARG A 13 13.96 19.06 15.77
N ILE A 14 15.13 18.45 15.89
CA ILE A 14 15.27 17.01 15.92
C ILE A 14 15.93 16.52 17.21
N ASP A 15 15.43 15.43 17.76
CA ASP A 15 16.00 14.83 18.96
C ASP A 15 16.15 13.36 18.62
N THR A 16 17.38 12.95 18.34
CA THR A 16 17.67 11.57 17.94
C THR A 16 17.44 10.52 19.01
N SER A 17 17.22 10.94 20.25
CA SER A 17 17.01 9.99 21.34
C SER A 17 15.53 9.89 21.72
N ALA A 18 14.71 10.73 21.12
CA ALA A 18 13.29 10.76 21.45
C ALA A 18 12.34 10.16 20.42
N GLU A 19 11.26 9.56 20.93
CA GLU A 19 10.23 8.97 20.10
C GLU A 19 10.75 7.97 19.07
N ARG A 20 11.79 7.23 19.45
CA ARG A 20 12.35 6.23 18.56
C ARG A 20 11.32 5.13 18.30
N LYS A 21 11.12 4.80 17.03
N LYS A 21 11.13 4.82 17.02
CA LYS A 21 10.17 3.78 16.65
CA LYS A 21 10.15 3.83 16.60
C LYS A 21 10.61 3.20 15.31
C LYS A 21 10.59 3.21 15.28
N PRO A 22 10.51 1.87 15.16
CA PRO A 22 10.92 1.25 13.90
C PRO A 22 10.00 1.59 12.73
N ILE A 23 10.61 1.84 11.59
CA ILE A 23 9.86 2.13 10.37
C ILE A 23 9.82 0.79 9.65
N SER A 24 8.62 0.26 9.39
CA SER A 24 8.53 -1.03 8.70
C SER A 24 9.19 -0.87 7.34
N PRO A 25 10.06 -1.83 6.99
CA PRO A 25 10.74 -1.73 5.69
C PRO A 25 9.85 -1.90 4.48
N TYR A 26 8.63 -2.42 4.68
CA TYR A 26 7.71 -2.69 3.58
C TYR A 26 6.78 -1.56 3.12
N ILE A 27 6.96 -0.35 3.63
CA ILE A 27 6.07 0.74 3.23
C ILE A 27 6.43 1.36 1.89
N TYR A 28 7.59 0.98 1.33
CA TYR A 28 8.05 1.54 0.07
C TYR A 28 7.79 0.60 -1.12
N GLY A 29 6.61 0.02 -1.18
CA GLY A 29 6.33 -0.92 -2.26
C GLY A 29 5.47 -0.41 -3.41
N SER A 30 5.24 -1.29 -4.37
CA SER A 30 4.41 -0.95 -5.53
C SER A 30 3.62 -2.15 -6.01
N ASN A 31 2.61 -1.88 -6.82
CA ASN A 31 1.77 -2.92 -7.41
C ASN A 31 2.32 -3.24 -8.80
N GLN A 32 2.69 -2.19 -9.52
CA GLN A 32 3.23 -2.32 -10.87
C GLN A 32 4.77 -2.34 -10.91
N GLU A 33 5.31 -2.57 -12.10
N GLU A 33 5.31 -2.56 -12.10
CA GLU A 33 6.76 -2.59 -12.29
CA GLU A 33 6.76 -2.60 -12.27
C GLU A 33 7.22 -1.16 -12.53
C GLU A 33 7.23 -1.17 -12.53
N LEU A 34 7.86 -0.58 -11.52
CA LEU A 34 8.33 0.80 -11.60
C LEU A 34 9.81 0.99 -11.85
N ASP A 35 10.15 2.22 -12.24
CA ASP A 35 11.54 2.62 -12.47
C ASP A 35 11.96 3.17 -11.11
N ALA A 36 11.98 2.29 -10.12
CA ALA A 36 12.35 2.68 -8.77
C ALA A 36 12.66 1.44 -7.96
N THR A 37 13.43 1.63 -6.89
CA THR A 37 13.77 0.52 -6.00
C THR A 37 12.62 0.41 -5.01
N VAL A 38 11.92 -0.72 -5.02
CA VAL A 38 10.81 -0.89 -4.09
C VAL A 38 11.10 -1.98 -3.06
N THR A 39 10.38 -1.94 -1.94
CA THR A 39 10.62 -2.90 -0.87
C THR A 39 9.48 -3.87 -0.60
N ALA A 40 8.47 -3.85 -1.47
CA ALA A 40 7.34 -4.75 -1.36
C ALA A 40 6.62 -4.75 -2.70
N LYS A 41 6.09 -5.91 -3.08
CA LYS A 41 5.36 -6.04 -4.34
C LYS A 41 4.04 -6.73 -4.08
N ARG A 42 2.96 -6.13 -4.59
CA ARG A 42 1.63 -6.70 -4.41
C ARG A 42 1.06 -7.12 -5.74
N PHE A 43 0.56 -8.35 -5.77
CA PHE A 43 -0.11 -8.92 -6.94
C PHE A 43 -1.58 -8.77 -6.52
N GLY A 44 -2.22 -7.73 -7.04
CA GLY A 44 -3.61 -7.50 -6.68
C GLY A 44 -4.32 -6.62 -7.67
N GLY A 45 -5.48 -6.11 -7.28
CA GLY A 45 -6.24 -5.27 -8.18
C GLY A 45 -7.37 -6.07 -8.79
N ASN A 46 -8.19 -5.37 -9.58
CA ASN A 46 -9.35 -5.99 -10.22
C ASN A 46 -9.13 -7.32 -10.91
N ARG A 47 -8.07 -7.42 -11.71
CA ARG A 47 -7.79 -8.66 -12.44
C ARG A 47 -7.51 -9.89 -11.59
N THR A 48 -7.14 -9.70 -10.33
CA THR A 48 -6.83 -10.85 -9.48
C THR A 48 -8.03 -11.58 -8.87
N THR A 49 -9.19 -10.94 -8.88
CA THR A 49 -10.38 -11.58 -8.31
C THR A 49 -10.75 -12.89 -9.00
N GLY A 50 -10.73 -12.89 -10.33
CA GLY A 50 -11.07 -14.08 -11.08
C GLY A 50 -9.90 -14.87 -11.61
N TYR A 51 -8.72 -14.64 -11.05
CA TYR A 51 -7.51 -15.34 -11.48
C TYR A 51 -7.56 -16.82 -11.07
N ASN A 52 -7.34 -17.70 -12.03
CA ASN A 52 -7.36 -19.15 -11.82
C ASN A 52 -5.92 -19.66 -11.86
N TRP A 53 -5.38 -20.01 -10.69
CA TRP A 53 -4.00 -20.47 -10.62
C TRP A 53 -3.73 -21.76 -11.38
N GLU A 54 -4.76 -22.55 -11.64
CA GLU A 54 -4.56 -23.82 -12.34
C GLU A 54 -4.15 -23.63 -13.79
N ASN A 55 -4.67 -22.58 -14.44
CA ASN A 55 -4.35 -22.32 -15.84
C ASN A 55 -3.94 -20.89 -16.17
N ASN A 56 -3.92 -20.02 -15.16
CA ASN A 56 -3.53 -18.62 -15.30
C ASN A 56 -4.51 -17.68 -16.02
N PHE A 57 -5.70 -18.17 -16.33
CA PHE A 57 -6.69 -17.31 -16.97
C PHE A 57 -7.28 -16.39 -15.91
N SER A 58 -7.84 -15.27 -16.35
CA SER A 58 -8.45 -14.31 -15.43
C SER A 58 -9.48 -13.51 -16.20
N ASN A 59 -10.30 -12.73 -15.49
CA ASN A 59 -11.35 -11.95 -16.13
C ASN A 59 -11.22 -10.45 -15.82
N ALA A 60 -11.34 -9.63 -16.85
CA ALA A 60 -11.20 -8.18 -16.69
C ALA A 60 -12.37 -7.51 -16.00
N GLY A 61 -13.51 -8.19 -15.93
CA GLY A 61 -14.66 -7.57 -15.31
C GLY A 61 -15.05 -6.33 -16.11
N SER A 62 -15.60 -5.34 -15.43
N SER A 62 -15.62 -5.34 -15.44
CA SER A 62 -16.04 -4.10 -16.06
CA SER A 62 -16.05 -4.11 -16.10
C SER A 62 -14.93 -3.30 -16.73
C SER A 62 -14.92 -3.30 -16.74
N ASP A 63 -13.68 -3.63 -16.42
CA ASP A 63 -12.55 -2.91 -17.01
C ASP A 63 -12.38 -3.23 -18.48
N TRP A 64 -12.84 -4.40 -18.92
CA TRP A 64 -12.71 -4.77 -20.32
C TRP A 64 -13.73 -5.81 -20.79
N LEU A 65 -14.99 -5.38 -20.85
CA LEU A 65 -16.09 -6.22 -21.33
C LEU A 65 -16.17 -7.63 -20.75
N HIS A 66 -15.76 -7.80 -19.50
CA HIS A 66 -15.83 -9.10 -18.83
C HIS A 66 -15.10 -10.20 -19.61
N TYR A 67 -13.96 -9.84 -20.18
CA TYR A 67 -13.13 -10.76 -20.95
C TYR A 67 -12.35 -11.73 -20.08
N SER A 68 -12.41 -13.03 -20.41
CA SER A 68 -11.62 -14.02 -19.70
C SER A 68 -10.49 -14.31 -20.70
N ASP A 69 -9.25 -14.05 -20.31
CA ASP A 69 -8.13 -14.28 -21.21
C ASP A 69 -6.80 -14.40 -20.50
N THR A 70 -5.73 -14.25 -21.26
CA THR A 70 -4.37 -14.37 -20.74
C THR A 70 -3.69 -13.05 -20.37
N TYR A 71 -4.46 -11.99 -20.16
CA TYR A 71 -3.89 -10.69 -19.81
C TYR A 71 -2.81 -10.71 -18.74
N LEU A 72 -3.06 -11.37 -17.63
CA LEU A 72 -2.08 -11.40 -16.54
C LEU A 72 -0.76 -12.05 -16.95
N LEU A 73 -0.82 -13.01 -17.86
CA LEU A 73 0.41 -13.68 -18.33
C LEU A 73 1.17 -12.69 -19.21
N GLU A 74 0.44 -12.01 -20.09
N GLU A 74 0.44 -12.01 -20.09
CA GLU A 74 1.03 -11.04 -21.00
CA GLU A 74 1.03 -11.04 -21.00
C GLU A 74 1.62 -9.85 -20.25
C GLU A 74 1.61 -9.84 -20.26
N ASP A 75 0.81 -9.22 -19.40
CA ASP A 75 1.26 -8.06 -18.64
C ASP A 75 2.30 -8.40 -17.60
N GLY A 76 2.27 -9.62 -17.08
CA GLY A 76 3.24 -10.03 -16.08
C GLY A 76 4.58 -10.42 -16.67
N GLY A 77 4.64 -10.51 -18.00
CA GLY A 77 5.86 -10.86 -18.67
C GLY A 77 6.26 -12.31 -18.45
N VAL A 78 5.28 -13.18 -18.31
CA VAL A 78 5.54 -14.60 -18.09
C VAL A 78 6.02 -15.25 -19.39
N PRO A 79 7.16 -15.97 -19.34
CA PRO A 79 7.67 -16.63 -20.54
C PRO A 79 6.57 -17.50 -21.16
N LYS A 80 6.36 -17.35 -22.46
CA LYS A 80 5.31 -18.11 -23.14
C LYS A 80 5.33 -19.62 -22.92
N GLY A 81 6.51 -20.18 -22.66
CA GLY A 81 6.59 -21.61 -22.44
C GLY A 81 6.04 -22.04 -21.09
N GLU A 82 5.71 -21.06 -20.24
CA GLU A 82 5.18 -21.37 -18.91
C GLU A 82 3.73 -20.94 -18.73
N TRP A 83 3.10 -20.50 -19.82
CA TRP A 83 1.72 -20.05 -19.76
C TRP A 83 0.73 -21.10 -19.27
N SER A 84 1.05 -22.37 -19.46
CA SER A 84 0.19 -23.46 -19.04
C SER A 84 0.63 -24.08 -17.72
N THR A 85 1.72 -23.57 -17.16
CA THR A 85 2.23 -24.07 -15.89
C THR A 85 1.45 -23.42 -14.75
N PRO A 86 0.93 -24.23 -13.81
CA PRO A 86 0.17 -23.69 -12.69
C PRO A 86 0.89 -22.57 -11.97
N ALA A 87 0.14 -21.50 -11.68
CA ALA A 87 0.63 -20.33 -10.95
C ALA A 87 1.80 -19.57 -11.56
N SER A 88 2.07 -19.79 -12.85
CA SER A 88 3.19 -19.09 -13.49
C SER A 88 3.08 -17.57 -13.38
N VAL A 89 1.87 -17.03 -13.37
CA VAL A 89 1.70 -15.60 -13.24
C VAL A 89 2.27 -15.17 -11.89
N VAL A 90 1.95 -15.93 -10.85
CA VAL A 90 2.42 -15.64 -9.50
C VAL A 90 3.88 -15.99 -9.28
N THR A 91 4.36 -17.13 -9.80
CA THR A 91 5.76 -17.48 -9.59
C THR A 91 6.66 -16.51 -10.36
N THR A 92 6.19 -16.03 -11.50
CA THR A 92 6.97 -15.07 -12.27
C THR A 92 7.03 -13.78 -11.46
N PHE A 93 5.89 -13.41 -10.90
CA PHE A 93 5.77 -12.20 -10.09
C PHE A 93 6.72 -12.26 -8.89
N HIS A 94 6.69 -13.38 -8.17
CA HIS A 94 7.54 -13.53 -7.00
C HIS A 94 9.01 -13.73 -7.37
N ASP A 95 9.27 -14.43 -8.48
CA ASP A 95 10.66 -14.63 -8.90
C ASP A 95 11.29 -13.27 -9.17
N LYS A 96 10.53 -12.40 -9.84
CA LYS A 96 11.01 -11.07 -10.16
C LYS A 96 11.29 -10.24 -8.91
N ALA A 97 10.40 -10.34 -7.92
CA ALA A 97 10.58 -9.62 -6.67
C ALA A 97 11.85 -10.10 -5.98
N LEU A 98 12.00 -11.42 -5.86
CA LEU A 98 13.18 -11.99 -5.22
C LEU A 98 14.47 -11.56 -5.92
N SER A 99 14.45 -11.56 -7.25
CA SER A 99 15.63 -11.18 -8.02
C SER A 99 15.97 -9.71 -7.87
N LYS A 100 14.98 -8.91 -7.47
CA LYS A 100 15.18 -7.47 -7.29
C LYS A 100 15.44 -7.17 -5.82
N ASN A 101 15.64 -8.23 -5.04
N ASN A 101 15.65 -8.22 -5.04
CA ASN A 101 15.91 -8.11 -3.62
CA ASN A 101 15.91 -8.08 -3.62
C ASN A 101 14.77 -7.43 -2.86
C ASN A 101 14.76 -7.41 -2.89
N VAL A 102 13.53 -7.74 -3.27
CA VAL A 102 12.34 -7.18 -2.63
C VAL A 102 12.00 -8.16 -1.50
N PRO A 103 12.03 -7.69 -0.24
CA PRO A 103 11.74 -8.53 0.92
C PRO A 103 10.30 -8.96 1.20
N TYR A 104 9.32 -8.32 0.56
CA TYR A 104 7.94 -8.71 0.82
C TYR A 104 7.11 -8.87 -0.44
N THR A 105 6.45 -10.02 -0.56
CA THR A 105 5.59 -10.26 -1.71
C THR A 105 4.22 -10.56 -1.12
N LEU A 106 3.20 -9.86 -1.62
CA LEU A 106 1.83 -10.01 -1.17
C LEU A 106 1.03 -10.55 -2.35
N ILE A 107 0.47 -11.75 -2.19
CA ILE A 107 -0.30 -12.39 -3.25
C ILE A 107 -1.79 -12.44 -2.93
N THR A 108 -2.60 -11.93 -3.84
CA THR A 108 -4.05 -11.93 -3.65
C THR A 108 -4.64 -13.30 -3.98
N LEU A 109 -5.47 -13.81 -3.07
CA LEU A 109 -6.15 -15.07 -3.26
C LEU A 109 -7.59 -14.74 -3.65
N GLN A 110 -8.29 -15.71 -4.22
CA GLN A 110 -9.64 -15.50 -4.73
C GLN A 110 -10.76 -15.85 -3.76
N ALA A 111 -11.66 -14.90 -3.53
CA ALA A 111 -12.77 -15.11 -2.61
C ALA A 111 -14.15 -14.73 -3.13
N ALA A 112 -14.22 -14.00 -4.24
CA ALA A 112 -15.52 -13.59 -4.78
C ALA A 112 -16.40 -14.79 -5.08
N GLY A 113 -15.78 -15.94 -5.34
CA GLY A 113 -16.58 -17.14 -5.59
C GLY A 113 -16.21 -18.01 -6.77
N TYR A 114 -15.78 -17.40 -7.87
CA TYR A 114 -15.43 -18.13 -9.08
C TYR A 114 -14.20 -17.54 -9.76
N VAL A 115 -13.55 -18.34 -10.59
CA VAL A 115 -12.38 -17.91 -11.34
C VAL A 115 -12.54 -18.38 -12.80
N SER A 116 -11.86 -17.70 -13.72
CA SER A 116 -11.96 -18.04 -15.14
C SER A 116 -11.62 -19.49 -15.46
N ALA A 117 -12.53 -20.16 -16.17
CA ALA A 117 -12.33 -21.55 -16.55
C ALA A 117 -11.57 -21.61 -17.87
N ASP A 118 -11.58 -20.50 -18.60
CA ASP A 118 -10.94 -20.43 -19.91
C ASP A 118 -10.43 -19.04 -20.24
N GLY A 119 -9.92 -18.89 -21.46
CA GLY A 119 -9.43 -17.60 -21.92
C GLY A 119 -10.08 -17.29 -23.25
N ASN A 120 -11.34 -17.71 -23.39
CA ASN A 120 -12.09 -17.53 -24.63
C ASN A 120 -12.74 -16.17 -24.91
N GLY A 121 -12.41 -15.16 -24.11
CA GLY A 121 -12.98 -13.85 -24.36
C GLY A 121 -14.13 -13.44 -23.46
N PRO A 122 -14.98 -12.52 -23.94
CA PRO A 122 -16.14 -12.02 -23.18
C PRO A 122 -17.11 -13.05 -22.61
N VAL A 123 -17.46 -12.86 -21.34
CA VAL A 123 -18.40 -13.73 -20.66
C VAL A 123 -19.74 -12.99 -20.72
N SER A 124 -20.74 -13.60 -21.35
CA SER A 124 -22.05 -12.98 -21.49
C SER A 124 -22.78 -12.92 -20.16
N GLN A 125 -23.82 -12.10 -20.07
CA GLN A 125 -24.57 -12.01 -18.83
C GLN A 125 -25.28 -13.32 -18.56
N GLU A 126 -25.59 -14.03 -19.65
CA GLU A 126 -26.26 -15.33 -19.52
C GLU A 126 -25.28 -16.39 -19.03
N GLU A 127 -24.00 -16.04 -19.02
CA GLU A 127 -22.97 -16.97 -18.56
C GLU A 127 -22.47 -16.58 -17.17
N THR A 128 -23.29 -15.81 -16.46
CA THR A 128 -22.96 -15.39 -15.10
C THR A 128 -22.76 -16.66 -14.29
N ALA A 129 -21.75 -16.68 -13.43
CA ALA A 129 -21.45 -17.84 -12.60
C ALA A 129 -22.61 -18.26 -11.72
N PRO A 130 -22.83 -19.58 -11.58
CA PRO A 130 -22.02 -20.64 -12.20
C PRO A 130 -22.39 -20.90 -13.65
N SER A 131 -21.40 -21.26 -14.46
CA SER A 131 -21.59 -21.58 -15.88
C SER A 131 -20.31 -22.23 -16.38
N SER A 132 -20.32 -22.70 -17.62
CA SER A 132 -19.14 -23.35 -18.19
C SER A 132 -17.94 -22.41 -18.27
N ARG A 133 -18.18 -21.11 -18.17
CA ARG A 133 -17.09 -20.14 -18.25
C ARG A 133 -16.35 -19.99 -16.92
N TRP A 134 -16.90 -20.60 -15.86
CA TRP A 134 -16.29 -20.47 -14.54
C TRP A 134 -16.04 -21.76 -13.77
N LYS A 135 -15.13 -21.68 -12.80
CA LYS A 135 -14.83 -22.78 -11.91
C LYS A 135 -15.12 -22.22 -10.52
N GLU A 136 -15.79 -23.01 -9.69
CA GLU A 136 -16.12 -22.56 -8.34
C GLU A 136 -14.90 -22.64 -7.45
N VAL A 137 -14.70 -21.61 -6.64
CA VAL A 137 -13.58 -21.58 -5.73
C VAL A 137 -13.96 -22.18 -4.39
N LYS A 138 -13.09 -23.03 -3.87
N LYS A 138 -13.09 -23.05 -3.87
CA LYS A 138 -13.29 -23.67 -2.58
CA LYS A 138 -13.29 -23.66 -2.57
C LYS A 138 -11.99 -23.40 -1.81
C LYS A 138 -12.00 -23.39 -1.81
N PHE A 139 -12.10 -22.91 -0.58
CA PHE A 139 -10.93 -22.59 0.22
C PHE A 139 -10.10 -23.78 0.67
N GLU A 140 -10.77 -24.87 1.06
CA GLU A 140 -10.07 -26.08 1.50
C GLU A 140 -10.44 -27.28 0.63
N LYS A 141 -9.43 -27.91 0.04
CA LYS A 141 -9.68 -29.07 -0.83
C LYS A 141 -10.29 -30.24 -0.06
N GLY A 142 -9.78 -30.51 1.14
CA GLY A 142 -10.33 -31.61 1.92
C GLY A 142 -9.94 -32.97 1.37
N ALA A 143 -8.92 -32.96 0.51
CA ALA A 143 -8.39 -34.16 -0.10
C ALA A 143 -6.91 -33.84 -0.34
N PRO A 144 -6.07 -34.86 -0.56
CA PRO A 144 -4.64 -34.60 -0.78
C PRO A 144 -4.35 -33.59 -1.89
N PHE A 145 -3.42 -32.68 -1.61
CA PHE A 145 -3.04 -31.67 -2.59
C PHE A 145 -2.24 -32.31 -3.72
N SER A 146 -2.27 -31.66 -4.87
CA SER A 146 -1.52 -32.11 -6.04
C SER A 146 -0.78 -30.92 -6.60
N LEU A 147 0.44 -31.13 -7.07
CA LEU A 147 1.23 -30.06 -7.66
C LEU A 147 0.83 -29.91 -9.11
N THR A 148 -0.03 -30.80 -9.56
CA THR A 148 -0.55 -30.77 -10.93
C THR A 148 -2.08 -30.78 -10.82
N PRO A 149 -2.66 -29.65 -10.40
CA PRO A 149 -4.11 -29.50 -10.23
C PRO A 149 -4.93 -29.94 -11.43
N ASP A 150 -6.06 -30.57 -11.14
CA ASP A 150 -6.99 -31.06 -12.15
C ASP A 150 -7.78 -29.89 -12.74
N THR A 151 -7.49 -29.55 -14.00
CA THR A 151 -8.17 -28.44 -14.65
C THR A 151 -9.50 -28.88 -15.26
N GLU A 152 -9.81 -30.17 -15.14
CA GLU A 152 -11.03 -30.71 -15.71
C GLU A 152 -12.24 -30.73 -14.77
N ASP A 153 -12.01 -30.70 -13.46
CA ASP A 153 -13.13 -30.71 -12.52
C ASP A 153 -13.71 -29.30 -12.42
N ASP A 154 -14.76 -29.14 -11.60
CA ASP A 154 -15.41 -27.84 -11.49
C ASP A 154 -14.92 -26.94 -10.36
N TYR A 155 -13.83 -27.31 -9.70
CA TYR A 155 -13.34 -26.52 -8.58
C TYR A 155 -11.87 -26.10 -8.64
N VAL A 156 -11.59 -25.00 -7.95
CA VAL A 156 -10.23 -24.48 -7.83
C VAL A 156 -10.07 -24.26 -6.34
N TYR A 157 -9.02 -24.84 -5.77
CA TYR A 157 -8.77 -24.78 -4.33
C TYR A 157 -7.68 -23.80 -3.91
N MET A 158 -8.02 -22.94 -2.96
CA MET A 158 -7.06 -21.95 -2.50
C MET A 158 -5.92 -22.53 -1.66
N ASP A 159 -6.21 -23.49 -0.78
CA ASP A 159 -5.10 -24.03 0.00
C ASP A 159 -4.15 -24.86 -0.87
N GLU A 160 -4.65 -25.42 -1.96
CA GLU A 160 -3.80 -26.21 -2.86
C GLU A 160 -2.88 -25.23 -3.59
N PHE A 161 -3.42 -24.06 -3.91
CA PHE A 161 -2.70 -22.98 -4.57
C PHE A 161 -1.54 -22.55 -3.65
N VAL A 162 -1.85 -22.31 -2.38
CA VAL A 162 -0.82 -21.91 -1.42
C VAL A 162 0.20 -23.02 -1.22
N ASN A 163 -0.27 -24.27 -1.21
CA ASN A 163 0.64 -25.40 -1.03
C ASN A 163 1.64 -25.44 -2.18
N TYR A 164 1.16 -25.16 -3.39
CA TYR A 164 2.03 -25.16 -4.56
C TYR A 164 3.13 -24.12 -4.37
N LEU A 165 2.77 -22.95 -3.87
CA LEU A 165 3.74 -21.87 -3.66
C LEU A 165 4.73 -22.19 -2.53
N VAL A 166 4.21 -22.73 -1.42
CA VAL A 166 5.07 -23.08 -0.30
C VAL A 166 6.04 -24.19 -0.69
N ASN A 167 5.57 -25.12 -1.51
CA ASN A 167 6.43 -26.21 -1.96
C ASN A 167 7.61 -25.66 -2.76
N LYS A 168 7.33 -24.63 -3.57
CA LYS A 168 8.36 -24.03 -4.41
C LYS A 168 9.32 -23.07 -3.71
N TYR A 169 8.79 -22.26 -2.80
CA TYR A 169 9.60 -21.24 -2.13
C TYR A 169 9.87 -21.44 -0.64
N GLY A 170 9.17 -22.38 -0.01
CA GLY A 170 9.32 -22.57 1.41
C GLY A 170 8.23 -21.71 2.03
N ASN A 171 7.98 -21.84 3.33
CA ASN A 171 6.92 -21.03 3.95
C ASN A 171 7.35 -19.59 4.21
N ALA A 172 6.40 -18.79 4.70
CA ALA A 172 6.64 -17.38 4.96
C ALA A 172 7.76 -17.03 5.93
N SER A 173 8.21 -17.99 6.74
CA SER A 173 9.29 -17.72 7.69
C SER A 173 10.67 -17.87 7.06
N THR A 174 10.72 -18.32 5.82
CA THR A 174 12.00 -18.51 5.14
C THR A 174 12.35 -17.30 4.26
N PRO A 175 13.63 -17.17 3.88
CA PRO A 175 14.12 -16.06 3.06
C PRO A 175 13.45 -15.89 1.68
N THR A 176 12.93 -16.97 1.12
CA THR A 176 12.30 -16.92 -0.19
C THR A 176 10.79 -17.09 -0.18
N GLY A 177 10.22 -17.34 1.00
CA GLY A 177 8.79 -17.54 1.08
C GLY A 177 7.95 -16.31 0.81
N ILE A 178 6.75 -16.52 0.29
CA ILE A 178 5.81 -15.42 0.05
C ILE A 178 5.26 -15.10 1.44
N LYS A 179 5.47 -13.87 1.89
CA LYS A 179 5.05 -13.46 3.24
C LYS A 179 3.58 -13.19 3.50
N GLY A 180 2.84 -12.73 2.49
CA GLY A 180 1.44 -12.44 2.75
C GLY A 180 0.46 -12.77 1.63
N TYR A 181 -0.79 -12.95 2.02
CA TYR A 181 -1.87 -13.24 1.08
C TYR A 181 -3.01 -12.30 1.41
N SER A 182 -3.68 -11.81 0.38
CA SER A 182 -4.80 -10.90 0.56
C SER A 182 -6.11 -11.61 0.25
N ILE A 183 -7.14 -11.28 1.03
N ILE A 183 -7.14 -11.28 1.03
CA ILE A 183 -8.46 -11.87 0.83
CA ILE A 183 -8.46 -11.87 0.82
C ILE A 183 -9.13 -11.13 -0.33
C ILE A 183 -9.13 -11.13 -0.33
N ASP A 184 -8.76 -11.53 -1.55
CA ASP A 184 -9.31 -10.92 -2.76
C ASP A 184 -9.01 -9.42 -2.86
N ASN A 185 -9.88 -8.69 -3.55
CA ASN A 185 -9.70 -7.26 -3.78
C ASN A 185 -11.04 -6.51 -3.80
N GLN A 186 -11.12 -5.44 -3.01
CA GLN A 186 -12.30 -4.58 -2.95
C GLN A 186 -13.63 -5.32 -3.03
N PRO A 187 -13.97 -6.09 -1.98
CA PRO A 187 -15.21 -6.85 -1.92
C PRO A 187 -16.49 -6.03 -2.09
N ALA A 188 -16.49 -4.81 -1.59
CA ALA A 188 -17.69 -3.97 -1.70
C ALA A 188 -17.95 -3.56 -3.15
N LEU A 189 -16.96 -3.75 -4.02
CA LEU A 189 -17.12 -3.41 -5.42
C LEU A 189 -17.25 -4.65 -6.30
N TRP A 190 -17.32 -5.84 -5.69
CA TRP A 190 -17.45 -7.07 -6.47
C TRP A 190 -18.65 -7.01 -7.41
N SER A 191 -19.80 -6.56 -6.90
CA SER A 191 -21.01 -6.50 -7.70
C SER A 191 -20.97 -5.48 -8.83
N HIS A 192 -20.00 -4.56 -8.77
CA HIS A 192 -19.86 -3.52 -9.78
C HIS A 192 -18.78 -3.87 -10.80
N THR A 193 -17.62 -4.29 -10.29
CA THR A 193 -16.49 -4.64 -11.13
C THR A 193 -16.59 -6.06 -11.69
N HIS A 194 -17.11 -6.99 -10.90
CA HIS A 194 -17.21 -8.38 -11.33
C HIS A 194 -18.63 -8.93 -11.24
N PRO A 195 -19.58 -8.27 -11.91
CA PRO A 195 -20.98 -8.73 -11.87
C PRO A 195 -21.22 -10.14 -12.41
N ARG A 196 -20.35 -10.61 -13.30
CA ARG A 196 -20.49 -11.94 -13.89
C ARG A 196 -20.05 -13.02 -12.90
N ILE A 197 -19.35 -12.61 -11.85
CA ILE A 197 -18.87 -13.54 -10.83
C ILE A 197 -19.69 -13.45 -9.55
N HIS A 198 -19.95 -12.23 -9.12
CA HIS A 198 -20.66 -11.97 -7.87
C HIS A 198 -21.65 -10.82 -8.08
N PRO A 199 -22.78 -11.09 -8.75
CA PRO A 199 -23.80 -10.07 -9.03
C PRO A 199 -24.45 -9.36 -7.84
N ASP A 200 -24.60 -10.05 -6.72
CA ASP A 200 -25.23 -9.44 -5.55
C ASP A 200 -24.23 -8.63 -4.73
N ASN A 201 -24.71 -7.59 -4.05
CA ASN A 201 -23.82 -6.78 -3.23
C ASN A 201 -23.38 -7.60 -2.03
N VAL A 202 -22.07 -7.64 -1.79
CA VAL A 202 -21.53 -8.42 -0.69
C VAL A 202 -22.14 -8.00 0.64
N THR A 203 -22.42 -8.98 1.49
CA THR A 203 -22.98 -8.68 2.80
C THR A 203 -21.84 -8.73 3.81
N ALA A 204 -22.03 -8.07 4.95
CA ALA A 204 -21.02 -8.07 5.99
C ALA A 204 -20.81 -9.50 6.48
N LYS A 205 -21.91 -10.23 6.65
CA LYS A 205 -21.81 -11.62 7.11
C LYS A 205 -21.00 -12.47 6.13
N GLU A 206 -21.30 -12.33 4.85
CA GLU A 206 -20.60 -13.09 3.83
C GLU A 206 -19.10 -12.82 3.83
N LEU A 207 -18.72 -11.55 3.93
CA LEU A 207 -17.31 -11.19 3.91
C LEU A 207 -16.57 -11.78 5.11
N ILE A 208 -17.18 -11.72 6.29
CA ILE A 208 -16.54 -12.27 7.48
C ILE A 208 -16.38 -13.78 7.36
N GLU A 209 -17.45 -14.46 6.99
N GLU A 209 -17.46 -14.45 6.98
CA GLU A 209 -17.41 -15.91 6.85
CA GLU A 209 -17.46 -15.90 6.83
C GLU A 209 -16.30 -16.34 5.90
C GLU A 209 -16.34 -16.35 5.88
N LYS A 210 -16.25 -15.70 4.73
CA LYS A 210 -15.22 -16.04 3.74
C LYS A 210 -13.81 -15.70 4.22
N SER A 211 -13.67 -14.55 4.88
CA SER A 211 -12.37 -14.12 5.39
C SER A 211 -11.84 -15.11 6.42
N VAL A 212 -12.72 -15.57 7.31
CA VAL A 212 -12.32 -16.52 8.34
C VAL A 212 -11.99 -17.87 7.72
N ALA A 213 -12.86 -18.35 6.83
CA ALA A 213 -12.64 -19.64 6.19
C ALA A 213 -11.35 -19.69 5.37
N LEU A 214 -11.10 -18.64 4.59
CA LEU A 214 -9.90 -18.60 3.76
C LEU A 214 -8.64 -18.48 4.62
N SER A 215 -8.69 -17.65 5.65
CA SER A 215 -7.53 -17.48 6.52
C SER A 215 -7.18 -18.83 7.17
N LYS A 216 -8.19 -19.52 7.67
CA LYS A 216 -7.97 -20.82 8.29
C LYS A 216 -7.31 -21.77 7.31
N ALA A 217 -7.83 -21.80 6.09
CA ALA A 217 -7.32 -22.67 5.03
C ALA A 217 -5.85 -22.39 4.71
N VAL A 218 -5.51 -21.11 4.58
CA VAL A 218 -4.16 -20.72 4.27
C VAL A 218 -3.18 -21.04 5.40
N LYS A 219 -3.57 -20.70 6.63
CA LYS A 219 -2.68 -20.93 7.77
C LYS A 219 -2.45 -22.40 8.12
N LYS A 220 -3.31 -23.29 7.63
CA LYS A 220 -3.11 -24.72 7.89
C LYS A 220 -1.93 -25.18 7.02
N VAL A 221 -1.78 -24.52 5.86
CA VAL A 221 -0.70 -24.83 4.94
C VAL A 221 0.59 -24.08 5.31
N ASP A 222 0.44 -22.80 5.64
CA ASP A 222 1.58 -21.96 6.02
C ASP A 222 1.20 -21.16 7.26
N PRO A 223 1.51 -21.68 8.45
CA PRO A 223 1.20 -21.03 9.74
C PRO A 223 1.86 -19.68 9.90
N TYR A 224 2.88 -19.41 9.09
CA TYR A 224 3.64 -18.17 9.19
C TYR A 224 3.17 -17.07 8.23
N ALA A 225 2.33 -17.41 7.27
CA ALA A 225 1.86 -16.42 6.31
C ALA A 225 0.94 -15.39 6.96
N GLU A 226 1.05 -14.14 6.53
CA GLU A 226 0.20 -13.09 7.08
C GLU A 226 -1.01 -12.88 6.17
N ILE A 227 -2.18 -12.77 6.79
CA ILE A 227 -3.42 -12.57 6.06
C ILE A 227 -3.80 -11.09 6.09
N PHE A 228 -4.03 -10.53 4.90
CA PHE A 228 -4.41 -9.13 4.72
C PHE A 228 -5.89 -9.03 4.32
N GLY A 229 -6.62 -8.11 4.93
CA GLY A 229 -8.02 -7.94 4.59
C GLY A 229 -8.53 -6.63 5.16
N PRO A 230 -9.63 -6.07 4.62
CA PRO A 230 -10.43 -6.61 3.52
C PRO A 230 -10.11 -6.01 2.14
N ALA A 231 -9.05 -5.20 2.07
CA ALA A 231 -8.66 -4.55 0.81
C ALA A 231 -9.79 -3.65 0.31
N LEU A 232 -10.37 -2.88 1.23
CA LEU A 232 -11.47 -1.96 0.91
C LEU A 232 -11.06 -0.84 -0.05
N TYR A 233 -11.92 -0.57 -1.02
CA TYR A 233 -11.66 0.42 -2.05
C TYR A 233 -11.56 1.87 -1.60
N GLY A 234 -12.35 2.25 -0.60
CA GLY A 234 -12.33 3.63 -0.16
C GLY A 234 -13.21 3.85 1.05
N PHE A 235 -13.30 5.10 1.48
CA PHE A 235 -14.06 5.43 2.67
C PHE A 235 -15.46 4.86 2.83
N ALA A 236 -16.28 4.91 1.78
CA ALA A 236 -17.63 4.38 1.88
C ALA A 236 -17.62 2.90 2.29
N ALA A 237 -16.60 2.18 1.83
CA ALA A 237 -16.47 0.76 2.19
C ALA A 237 -15.98 0.67 3.64
N TYR A 238 -15.11 1.58 4.05
CA TYR A 238 -14.61 1.61 5.43
C TYR A 238 -15.79 1.81 6.37
N GLU A 239 -16.69 2.72 6.01
CA GLU A 239 -17.80 3.04 6.88
C GLU A 239 -18.96 2.06 6.94
N THR A 240 -19.46 1.65 5.77
CA THR A 240 -20.62 0.75 5.73
C THR A 240 -20.49 -0.40 4.73
N LEU A 241 -19.28 -0.65 4.25
CA LEU A 241 -19.06 -1.70 3.25
C LEU A 241 -19.97 -1.38 2.07
N GLN A 242 -19.99 -0.10 1.69
CA GLN A 242 -20.80 0.39 0.58
C GLN A 242 -22.27 0.07 0.78
N SER A 243 -22.81 0.50 1.91
CA SER A 243 -24.22 0.26 2.23
C SER A 243 -24.58 -1.21 2.11
N ALA A 244 -23.78 -2.10 2.69
CA ALA A 244 -24.03 -3.53 2.63
C ALA A 244 -25.46 -3.84 3.04
N PRO A 245 -26.12 -4.77 2.33
CA PRO A 245 -27.51 -5.16 2.60
C PRO A 245 -27.84 -5.50 4.05
N ASP A 246 -26.89 -6.07 4.78
CA ASP A 246 -27.13 -6.44 6.16
C ASP A 246 -26.45 -5.55 7.20
N TRP A 247 -25.91 -4.40 6.76
CA TRP A 247 -25.23 -3.52 7.71
C TRP A 247 -26.18 -2.92 8.75
N GLY A 248 -27.46 -2.81 8.40
CA GLY A 248 -28.43 -2.27 9.35
C GLY A 248 -28.55 -3.15 10.59
N THR A 249 -28.32 -4.45 10.42
CA THR A 249 -28.39 -5.39 11.52
C THR A 249 -27.00 -5.69 12.07
N GLU A 250 -26.09 -6.10 11.19
CA GLU A 250 -24.74 -6.43 11.62
C GLU A 250 -23.99 -5.28 12.25
N GLY A 251 -24.24 -4.06 11.77
CA GLY A 251 -23.53 -2.91 12.29
C GLY A 251 -24.03 -2.26 13.56
N GLU A 252 -25.07 -2.82 14.17
CA GLU A 252 -25.60 -2.22 15.39
C GLU A 252 -24.52 -2.15 16.47
N GLY A 253 -24.27 -0.95 16.98
CA GLY A 253 -23.28 -0.77 18.02
C GLY A 253 -21.87 -0.48 17.53
N TYR A 254 -21.67 -0.46 16.22
CA TYR A 254 -20.35 -0.19 15.64
C TYR A 254 -20.33 1.17 14.96
N ARG A 255 -19.27 1.94 15.21
CA ARG A 255 -19.10 3.26 14.64
C ARG A 255 -18.97 3.16 13.11
N TRP A 256 -18.26 2.14 12.65
CA TRP A 256 -18.10 1.91 11.22
C TRP A 256 -17.72 0.47 10.96
N PHE A 257 -17.80 0.08 9.68
CA PHE A 257 -17.50 -1.29 9.31
C PHE A 257 -16.09 -1.73 9.74
N ILE A 258 -15.15 -0.80 9.75
CA ILE A 258 -13.78 -1.13 10.16
C ILE A 258 -13.81 -1.81 11.53
N ASP A 259 -14.56 -1.25 12.47
CA ASP A 259 -14.64 -1.82 13.81
C ASP A 259 -15.29 -3.20 13.81
N TYR A 260 -16.34 -3.37 13.01
CA TYR A 260 -17.04 -4.65 12.91
C TYR A 260 -16.08 -5.71 12.38
N TYR A 261 -15.33 -5.37 11.32
CA TYR A 261 -14.39 -6.29 10.73
C TYR A 261 -13.34 -6.74 11.74
N LEU A 262 -12.70 -5.78 12.39
CA LEU A 262 -11.68 -6.09 13.38
C LEU A 262 -12.25 -6.94 14.52
N ASP A 263 -13.39 -6.53 15.05
CA ASP A 263 -14.03 -7.25 16.14
C ASP A 263 -14.41 -8.69 15.78
N LYS A 264 -15.00 -8.88 14.61
CA LYS A 264 -15.41 -10.22 14.19
C LYS A 264 -14.22 -11.12 13.85
N MET A 265 -13.16 -10.54 13.29
CA MET A 265 -11.99 -11.34 12.97
C MET A 265 -11.29 -11.72 14.27
N LYS A 266 -11.34 -10.82 15.25
CA LYS A 266 -10.75 -11.05 16.56
C LYS A 266 -11.52 -12.18 17.24
N LYS A 267 -12.85 -12.10 17.18
N LYS A 267 -12.85 -12.10 17.20
CA LYS A 267 -13.71 -13.11 17.79
CA LYS A 267 -13.68 -13.12 17.82
C LYS A 267 -13.45 -14.47 17.18
C LYS A 267 -13.47 -14.49 17.18
N ALA A 268 -13.31 -14.52 15.85
CA ALA A 268 -13.08 -15.78 15.15
C ALA A 268 -11.71 -16.33 15.54
N SER A 269 -10.73 -15.44 15.65
CA SER A 269 -9.37 -15.85 16.01
C SER A 269 -9.37 -16.42 17.43
N ASP A 270 -10.10 -15.79 18.33
CA ASP A 270 -10.16 -16.25 19.71
C ASP A 270 -10.81 -17.63 19.80
N GLU A 271 -11.76 -17.89 18.92
CA GLU A 271 -12.45 -19.18 18.93
C GLU A 271 -11.57 -20.26 18.31
N GLU A 272 -10.85 -19.89 17.26
CA GLU A 272 -9.97 -20.82 16.55
C GLU A 272 -8.70 -21.12 17.33
N GLY A 273 -8.19 -20.14 18.07
CA GLY A 273 -6.98 -20.37 18.84
C GLY A 273 -5.73 -19.76 18.23
N LYS A 274 -5.90 -18.92 17.21
CA LYS A 274 -4.78 -18.25 16.57
C LYS A 274 -5.24 -17.05 15.76
N ARG A 275 -4.31 -16.12 15.52
CA ARG A 275 -4.61 -14.91 14.76
C ARG A 275 -4.97 -15.23 13.30
N LEU A 276 -6.16 -14.81 12.88
CA LEU A 276 -6.63 -15.05 11.51
C LEU A 276 -6.53 -13.80 10.64
N LEU A 277 -6.37 -12.64 11.28
CA LEU A 277 -6.20 -11.38 10.54
C LEU A 277 -4.90 -10.78 11.04
N ASP A 278 -3.94 -10.65 10.14
CA ASP A 278 -2.64 -10.10 10.52
C ASP A 278 -2.52 -8.62 10.18
N VAL A 279 -3.09 -8.24 9.04
CA VAL A 279 -2.98 -6.87 8.59
C VAL A 279 -4.30 -6.29 8.07
N LEU A 280 -4.76 -5.19 8.68
CA LEU A 280 -5.96 -4.50 8.23
C LEU A 280 -5.47 -3.83 6.95
N ASP A 281 -6.11 -4.16 5.84
CA ASP A 281 -5.73 -3.70 4.52
C ASP A 281 -6.79 -2.81 3.86
N VAL A 282 -6.43 -1.56 3.56
CA VAL A 282 -7.37 -0.64 2.90
C VAL A 282 -6.68 0.09 1.75
N HIS A 283 -7.50 0.61 0.83
CA HIS A 283 -7.01 1.37 -0.32
C HIS A 283 -7.41 2.81 -0.06
N TRP A 284 -6.49 3.74 -0.32
CA TRP A 284 -6.76 5.15 -0.10
C TRP A 284 -6.35 6.04 -1.26
N TYR A 285 -7.32 6.39 -2.08
CA TYR A 285 -7.09 7.29 -3.20
C TYR A 285 -7.68 8.58 -2.68
N PRO A 286 -6.83 9.59 -2.43
CA PRO A 286 -7.33 10.86 -1.91
C PRO A 286 -8.48 11.48 -2.69
N GLU A 287 -9.47 11.97 -1.95
CA GLU A 287 -10.62 12.63 -2.55
C GLU A 287 -10.39 14.14 -2.55
N ALA A 288 -9.27 14.55 -1.96
CA ALA A 288 -8.91 15.96 -1.88
C ALA A 288 -9.02 16.63 -3.25
N ARG A 289 -9.61 17.82 -3.29
CA ARG A 289 -9.78 18.56 -4.53
C ARG A 289 -9.10 19.93 -4.46
N GLY A 290 -8.81 20.47 -5.64
CA GLY A 290 -8.19 21.77 -5.75
C GLY A 290 -8.36 22.26 -7.18
N GLY A 291 -8.69 23.53 -7.35
CA GLY A 291 -8.87 24.05 -8.69
C GLY A 291 -9.99 23.37 -9.45
N GLY A 292 -10.99 22.89 -8.71
CA GLY A 292 -12.13 22.23 -9.35
C GLY A 292 -11.96 20.78 -9.79
N GLU A 293 -10.93 20.11 -9.29
CA GLU A 293 -10.73 18.72 -9.66
C GLU A 293 -10.05 17.92 -8.56
N ARG A 294 -10.28 16.62 -8.56
CA ARG A 294 -9.68 15.72 -7.58
C ARG A 294 -8.18 15.68 -7.90
N ILE A 295 -7.33 15.53 -6.89
CA ILE A 295 -5.89 15.52 -7.13
C ILE A 295 -5.34 14.29 -7.85
N CYS A 296 -6.13 13.22 -7.89
CA CYS A 296 -5.70 12.01 -8.58
C CYS A 296 -6.74 11.66 -9.64
N PHE A 297 -6.43 10.68 -10.48
CA PHE A 297 -7.35 10.24 -11.53
C PHE A 297 -7.57 11.30 -12.60
N GLY A 298 -6.59 11.49 -13.48
CA GLY A 298 -6.72 12.45 -14.55
C GLY A 298 -6.48 13.90 -14.20
N ALA A 299 -5.94 14.16 -13.01
CA ALA A 299 -5.66 15.53 -12.60
C ALA A 299 -4.74 16.18 -13.63
N ASP A 300 -4.98 17.45 -13.93
CA ASP A 300 -4.18 18.18 -14.90
C ASP A 300 -3.04 18.96 -14.23
N PRO A 301 -1.78 18.56 -14.50
CA PRO A 301 -0.58 19.19 -13.94
C PRO A 301 -0.46 20.69 -14.19
N ARG A 302 -1.28 21.19 -15.10
CA ARG A 302 -1.27 22.62 -15.44
C ARG A 302 -2.09 23.45 -14.45
N ASN A 303 -2.98 22.78 -13.72
CA ASN A 303 -3.85 23.44 -12.75
C ASN A 303 -3.07 23.65 -11.46
N ILE A 304 -2.60 24.89 -11.25
CA ILE A 304 -1.83 25.21 -10.06
C ILE A 304 -2.56 24.99 -8.75
N GLU A 305 -3.85 25.29 -8.70
N GLU A 305 -3.85 25.29 -8.70
CA GLU A 305 -4.62 25.10 -7.48
CA GLU A 305 -4.64 25.11 -7.49
C GLU A 305 -4.71 23.62 -7.14
C GLU A 305 -4.74 23.63 -7.14
N THR A 306 -4.81 22.79 -8.15
CA THR A 306 -4.89 21.35 -7.94
C THR A 306 -3.54 20.88 -7.40
N ASN A 307 -2.46 21.39 -7.99
CA ASN A 307 -1.11 21.02 -7.55
C ASN A 307 -0.87 21.44 -6.12
N LYS A 308 -1.39 22.61 -5.73
CA LYS A 308 -1.20 23.06 -4.36
C LYS A 308 -2.02 22.21 -3.40
N ALA A 309 -3.20 21.78 -3.83
CA ALA A 309 -4.03 20.94 -2.99
C ALA A 309 -3.34 19.59 -2.83
N ARG A 310 -2.67 19.13 -3.88
CA ARG A 310 -1.97 17.85 -3.82
C ARG A 310 -0.88 17.88 -2.75
N LEU A 311 -0.18 19.01 -2.66
CA LEU A 311 0.89 19.15 -1.68
C LEU A 311 0.41 19.07 -0.24
N GLN A 312 -0.81 19.54 0.02
CA GLN A 312 -1.36 19.52 1.38
C GLN A 312 -2.16 18.26 1.73
N ALA A 313 -2.68 17.58 0.72
CA ALA A 313 -3.49 16.38 0.92
C ALA A 313 -2.97 15.33 1.87
N PRO A 314 -1.65 15.07 1.87
CA PRO A 314 -1.11 14.05 2.78
C PRO A 314 -1.46 14.32 4.24
N ARG A 315 -1.70 15.58 4.57
CA ARG A 315 -2.05 15.94 5.94
C ARG A 315 -3.34 15.30 6.42
N THR A 316 -4.22 14.94 5.49
CA THR A 316 -5.48 14.30 5.87
C THR A 316 -5.18 12.95 6.53
N LEU A 317 -4.00 12.41 6.25
CA LEU A 317 -3.62 11.13 6.83
C LEU A 317 -3.29 11.21 8.32
N TRP A 318 -2.76 12.36 8.77
CA TRP A 318 -2.34 12.47 10.17
C TRP A 318 -2.67 13.73 10.98
N ASP A 319 -2.83 14.85 10.27
CA ASP A 319 -3.06 16.15 10.89
C ASP A 319 -4.50 16.51 11.27
N PRO A 320 -4.78 16.58 12.59
CA PRO A 320 -6.11 16.89 13.11
C PRO A 320 -6.61 18.27 12.70
N THR A 321 -5.68 19.18 12.42
CA THR A 321 -6.04 20.54 12.05
C THR A 321 -6.33 20.74 10.56
N TYR A 322 -6.14 19.70 9.76
CA TYR A 322 -6.35 19.86 8.33
C TYR A 322 -7.67 19.30 7.78
N ILE A 323 -8.44 20.17 7.15
CA ILE A 323 -9.73 19.78 6.57
C ILE A 323 -9.63 20.02 5.06
N GLU A 324 -9.54 18.93 4.30
CA GLU A 324 -9.44 19.02 2.85
C GLU A 324 -10.78 19.34 2.21
N ASP A 325 -10.74 19.71 0.94
CA ASP A 325 -11.94 20.02 0.19
C ASP A 325 -12.38 18.73 -0.51
N SER A 326 -13.29 18.01 0.13
CA SER A 326 -13.81 16.76 -0.40
C SER A 326 -15.02 16.38 0.43
N TRP A 327 -15.79 15.40 -0.02
CA TRP A 327 -16.97 14.99 0.73
C TRP A 327 -16.55 14.36 2.06
N ILE A 328 -15.36 13.78 2.11
CA ILE A 328 -14.87 13.19 3.35
C ILE A 328 -14.52 14.30 4.33
N GLY A 329 -13.82 15.32 3.85
CA GLY A 329 -13.45 16.43 4.71
C GLY A 329 -14.68 17.17 5.21
N GLN A 330 -15.73 17.21 4.39
CA GLN A 330 -16.94 17.91 4.77
C GLN A 330 -17.86 17.14 5.71
N TRP A 331 -18.20 15.91 5.33
CA TRP A 331 -19.13 15.12 6.14
C TRP A 331 -18.57 14.06 7.08
N LYS A 332 -17.28 13.76 6.98
CA LYS A 332 -16.73 12.70 7.82
C LYS A 332 -15.58 13.14 8.72
N LYS A 333 -15.69 14.34 9.29
CA LYS A 333 -14.64 14.83 10.16
C LYS A 333 -14.40 13.92 11.37
N ASP A 334 -15.44 13.23 11.82
N ASP A 334 -15.44 13.23 11.82
CA ASP A 334 -15.32 12.34 12.97
CA ASP A 334 -15.32 12.34 12.97
C ASP A 334 -14.42 11.14 12.69
C ASP A 334 -14.42 11.14 12.68
N PHE A 335 -14.04 10.96 11.42
CA PHE A 335 -13.17 9.85 11.03
C PHE A 335 -11.81 10.33 10.53
N LEU A 336 -11.53 11.62 10.70
CA LEU A 336 -10.25 12.19 10.27
C LEU A 336 -9.50 12.74 11.49
N PRO A 337 -8.15 12.72 11.44
CA PRO A 337 -7.29 12.22 10.36
C PRO A 337 -7.45 10.71 10.22
N ILE A 338 -7.35 10.22 9.00
CA ILE A 338 -7.59 8.80 8.75
C ILE A 338 -6.67 7.75 9.38
N LEU A 339 -5.35 7.93 9.33
CA LEU A 339 -4.49 6.90 9.90
C LEU A 339 -4.70 6.74 11.41
N PRO A 340 -4.76 7.85 12.16
CA PRO A 340 -4.99 7.71 13.60
C PRO A 340 -6.32 7.02 13.90
N ASN A 341 -7.33 7.31 13.09
CA ASN A 341 -8.63 6.68 13.31
C ASN A 341 -8.58 5.17 13.02
N LEU A 342 -7.84 4.78 11.99
CA LEU A 342 -7.72 3.35 11.68
C LEU A 342 -6.93 2.66 12.79
N LEU A 343 -5.86 3.29 13.25
CA LEU A 343 -5.04 2.71 14.30
C LEU A 343 -5.79 2.65 15.63
N ASP A 344 -6.62 3.66 15.89
N ASP A 344 -6.62 3.66 15.90
CA ASP A 344 -7.42 3.72 17.11
CA ASP A 344 -7.40 3.68 17.13
C ASP A 344 -8.39 2.54 17.12
C ASP A 344 -8.38 2.52 17.13
N SER A 345 -8.96 2.24 15.97
CA SER A 345 -9.90 1.14 15.86
C SER A 345 -9.19 -0.18 16.11
N ILE A 346 -7.97 -0.31 15.59
CA ILE A 346 -7.19 -1.52 15.80
C ILE A 346 -6.90 -1.68 17.29
N GLU A 347 -6.52 -0.60 17.94
CA GLU A 347 -6.19 -0.67 19.36
C GLU A 347 -7.42 -1.07 20.18
N LYS A 348 -8.59 -0.63 19.74
CA LYS A 348 -9.83 -0.94 20.44
C LYS A 348 -10.44 -2.30 20.15
N TYR A 349 -10.38 -2.75 18.90
CA TYR A 349 -11.02 -4.01 18.55
C TYR A 349 -10.16 -5.24 18.23
N TYR A 350 -8.91 -5.02 17.87
CA TYR A 350 -8.03 -6.16 17.60
C TYR A 350 -6.58 -5.70 17.71
N PRO A 351 -6.14 -5.43 18.94
CA PRO A 351 -4.76 -4.98 19.22
C PRO A 351 -3.73 -5.91 18.60
N GLY A 352 -2.64 -5.33 18.12
CA GLY A 352 -1.60 -6.15 17.52
C GLY A 352 -1.75 -6.32 16.02
N THR A 353 -2.90 -5.92 15.50
CA THR A 353 -3.14 -6.02 14.06
C THR A 353 -2.35 -4.91 13.38
N LYS A 354 -1.73 -5.24 12.25
CA LYS A 354 -0.93 -4.28 11.49
C LYS A 354 -1.82 -3.52 10.52
N LEU A 355 -1.32 -2.43 9.97
CA LEU A 355 -2.08 -1.61 9.02
C LEU A 355 -1.31 -1.45 7.71
N ALA A 356 -1.99 -1.67 6.60
CA ALA A 356 -1.36 -1.53 5.29
C ALA A 356 -2.26 -0.78 4.32
N ILE A 357 -1.64 0.07 3.50
CA ILE A 357 -2.36 0.83 2.49
C ILE A 357 -1.86 0.18 1.21
N THR A 358 -2.59 -0.83 0.74
CA THR A 358 -2.16 -1.59 -0.43
C THR A 358 -2.41 -0.97 -1.80
N GLU A 359 -3.09 0.18 -1.81
CA GLU A 359 -3.34 0.92 -3.04
C GLU A 359 -3.53 2.40 -2.69
N TYR A 360 -2.84 3.27 -3.41
CA TYR A 360 -2.95 4.70 -3.20
C TYR A 360 -2.25 5.39 -4.36
N ASP A 361 -2.57 6.66 -4.58
CA ASP A 361 -1.98 7.45 -5.66
C ASP A 361 -2.40 8.89 -5.42
N TYR A 362 -1.43 9.77 -5.21
CA TYR A 362 -1.74 11.18 -4.97
C TYR A 362 -1.76 12.02 -6.23
N GLY A 363 -1.62 11.36 -7.38
CA GLY A 363 -1.66 12.04 -8.66
C GLY A 363 -0.45 12.88 -8.97
N GLY A 364 -0.51 13.61 -10.09
CA GLY A 364 0.60 14.45 -10.51
C GLY A 364 1.89 13.64 -10.60
N GLY A 365 1.76 12.37 -10.96
CA GLY A 365 2.91 11.49 -11.06
C GLY A 365 4.08 11.95 -11.90
N ASN A 366 3.82 12.79 -12.89
CA ASN A 366 4.88 13.29 -13.76
C ASN A 366 5.12 14.77 -13.47
N HIS A 367 4.73 15.21 -12.28
CA HIS A 367 4.89 16.61 -11.89
C HIS A 367 5.60 16.66 -10.54
N ILE A 368 6.36 17.72 -10.31
CA ILE A 368 7.09 17.87 -9.05
C ILE A 368 6.19 17.69 -7.82
N THR A 369 4.96 18.20 -7.87
CA THR A 369 4.08 18.07 -6.71
C THR A 369 3.69 16.62 -6.44
N GLY A 370 3.69 15.78 -7.48
CA GLY A 370 3.36 14.38 -7.27
C GLY A 370 4.53 13.71 -6.57
N GLY A 371 5.73 14.24 -6.82
CA GLY A 371 6.93 13.69 -6.22
C GLY A 371 7.04 14.10 -4.76
N ILE A 372 6.75 15.37 -4.48
CA ILE A 372 6.81 15.87 -3.12
C ILE A 372 5.72 15.21 -2.28
N ALA A 373 4.50 15.12 -2.82
CA ALA A 373 3.42 14.48 -2.08
C ALA A 373 3.78 13.01 -1.80
N GLN A 374 4.38 12.34 -2.78
CA GLN A 374 4.74 10.94 -2.60
C GLN A 374 5.76 10.79 -1.46
N ALA A 375 6.76 11.67 -1.46
CA ALA A 375 7.80 11.63 -0.42
C ALA A 375 7.19 11.95 0.95
N ASP A 376 6.21 12.85 0.96
CA ASP A 376 5.54 13.23 2.20
C ASP A 376 4.75 12.03 2.75
N VAL A 377 4.00 11.39 1.87
CA VAL A 377 3.20 10.21 2.23
C VAL A 377 4.08 9.10 2.81
N LEU A 378 5.23 8.83 2.19
CA LEU A 378 6.11 7.78 2.70
C LEU A 378 6.68 8.15 4.07
N GLY A 379 6.94 9.43 4.29
CA GLY A 379 7.45 9.84 5.58
C GLY A 379 6.36 9.63 6.63
N ILE A 380 5.12 9.92 6.25
CA ILE A 380 3.98 9.75 7.15
C ILE A 380 3.77 8.27 7.47
N PHE A 381 3.81 7.42 6.45
CA PHE A 381 3.62 5.98 6.68
C PHE A 381 4.66 5.47 7.68
N GLY A 382 5.90 5.92 7.50
CA GLY A 382 6.96 5.49 8.38
C GLY A 382 6.81 6.02 9.80
N LYS A 383 6.50 7.31 9.91
CA LYS A 383 6.35 7.94 11.20
C LYS A 383 5.17 7.44 12.03
N TYR A 384 4.03 7.18 11.38
CA TYR A 384 2.85 6.73 12.10
C TYR A 384 2.64 5.22 12.24
N GLY A 385 3.60 4.43 11.78
CA GLY A 385 3.51 3.00 11.96
C GLY A 385 2.84 2.11 10.94
N VAL A 386 2.65 2.59 9.71
CA VAL A 386 2.04 1.74 8.69
C VAL A 386 3.02 0.60 8.43
N TYR A 387 2.49 -0.62 8.28
CA TYR A 387 3.31 -1.81 8.08
C TYR A 387 3.75 -2.06 6.65
N LEU A 388 2.84 -1.88 5.70
CA LEU A 388 3.14 -2.10 4.30
C LEU A 388 2.31 -1.17 3.43
N ALA A 389 2.91 -0.69 2.36
CA ALA A 389 2.20 0.19 1.43
C ALA A 389 2.69 -0.08 0.03
N THR A 390 1.77 -0.08 -0.92
CA THR A 390 2.09 -0.33 -2.31
C THR A 390 1.35 0.64 -3.22
N PHE A 391 2.11 1.52 -3.86
CA PHE A 391 1.58 2.53 -4.76
C PHE A 391 0.93 1.86 -5.98
N TRP A 392 -0.19 2.41 -6.46
CA TRP A 392 -0.85 1.89 -7.65
C TRP A 392 -0.68 2.91 -8.77
N GLY A 393 0.06 2.53 -9.81
CA GLY A 393 0.32 3.43 -10.92
C GLY A 393 1.50 2.89 -11.71
N ASP A 394 1.63 3.30 -12.98
CA ASP A 394 2.71 2.77 -13.80
C ASP A 394 4.03 3.56 -13.82
N ALA A 395 4.98 3.04 -14.59
CA ALA A 395 6.32 3.64 -14.69
C ALA A 395 6.39 5.03 -15.31
N SER A 396 5.26 5.55 -15.80
CA SER A 396 5.26 6.87 -16.41
C SER A 396 5.23 7.97 -15.35
N ASN A 397 5.00 7.60 -14.10
CA ASN A 397 4.96 8.55 -13.00
C ASN A 397 6.38 8.76 -12.48
N ASN A 398 7.21 9.41 -13.29
CA ASN A 398 8.62 9.63 -12.94
C ASN A 398 8.88 10.34 -11.62
N TYR A 399 8.05 11.33 -11.28
CA TYR A 399 8.26 12.03 -10.01
C TYR A 399 7.79 11.18 -8.83
N THR A 400 6.75 10.38 -9.03
CA THR A 400 6.30 9.50 -7.96
C THR A 400 7.46 8.55 -7.67
N GLU A 401 8.07 8.07 -8.74
CA GLU A 401 9.21 7.16 -8.61
C GLU A 401 10.38 7.84 -7.90
N ALA A 402 10.59 9.12 -8.18
CA ALA A 402 11.68 9.84 -7.53
C ALA A 402 11.38 9.93 -6.04
N GLY A 403 10.11 10.12 -5.70
CA GLY A 403 9.71 10.20 -4.31
C GLY A 403 10.01 8.91 -3.57
N ILE A 404 9.85 7.78 -4.24
CA ILE A 404 10.14 6.49 -3.64
C ILE A 404 11.65 6.31 -3.49
N ASN A 405 12.38 6.56 -4.57
CA ASN A 405 13.84 6.42 -4.53
C ASN A 405 14.52 7.33 -3.53
N LEU A 406 13.88 8.45 -3.20
CA LEU A 406 14.48 9.36 -2.23
C LEU A 406 14.66 8.63 -0.91
N TYR A 407 13.80 7.63 -0.68
CA TYR A 407 13.84 6.82 0.55
C TYR A 407 14.60 5.50 0.37
N THR A 408 14.39 4.85 -0.77
CA THR A 408 14.96 3.54 -1.02
C THR A 408 16.29 3.41 -1.74
N ASN A 409 16.68 4.44 -2.50
CA ASN A 409 17.93 4.39 -3.26
C ASN A 409 18.22 5.81 -3.71
N TYR A 410 18.54 6.68 -2.76
CA TYR A 410 18.77 8.08 -3.08
C TYR A 410 20.06 8.40 -3.82
N ASP A 411 21.08 7.55 -3.68
CA ASP A 411 22.36 7.81 -4.34
C ASP A 411 22.61 6.93 -5.56
N GLY A 412 21.67 6.06 -5.88
CA GLY A 412 21.84 5.21 -7.04
C GLY A 412 22.66 3.97 -6.76
N LYS A 413 23.14 3.83 -5.52
CA LYS A 413 23.93 2.68 -5.16
C LYS A 413 23.42 1.97 -3.90
N GLY A 414 22.13 2.12 -3.63
CA GLY A 414 21.55 1.46 -2.47
C GLY A 414 21.35 2.29 -1.22
N GLY A 415 21.80 3.54 -1.24
CA GLY A 415 21.63 4.39 -0.08
C GLY A 415 20.14 4.50 0.25
N LYS A 416 19.79 4.37 1.52
CA LYS A 416 18.38 4.46 1.89
C LYS A 416 18.15 5.20 3.20
N PHE A 417 16.91 5.61 3.41
CA PHE A 417 16.51 6.32 4.62
C PHE A 417 16.73 5.36 5.79
N GLY A 418 16.98 5.89 6.98
CA GLY A 418 17.17 5.03 8.14
C GLY A 418 15.91 4.26 8.46
N ASP A 419 16.06 3.16 9.20
CA ASP A 419 14.92 2.32 9.56
C ASP A 419 14.34 2.57 10.95
N THR A 420 14.83 3.59 11.64
CA THR A 420 14.31 3.93 12.95
C THR A 420 13.92 5.41 12.94
N SER A 421 12.63 5.67 13.09
CA SER A 421 12.10 7.04 13.10
C SER A 421 12.46 7.73 14.43
N VAL A 422 12.82 9.00 14.35
CA VAL A 422 13.14 9.78 15.55
C VAL A 422 12.37 11.10 15.49
N LYS A 423 12.26 11.76 16.63
CA LYS A 423 11.54 13.02 16.74
C LYS A 423 12.10 14.10 15.82
N CYS A 424 11.22 14.68 15.02
CA CYS A 424 11.60 15.73 14.08
C CYS A 424 10.39 16.63 13.86
N GLU A 425 10.44 17.84 14.41
CA GLU A 425 9.32 18.77 14.30
C GLU A 425 9.65 20.01 13.47
N THR A 426 8.65 20.48 12.71
CA THR A 426 8.81 21.68 11.90
C THR A 426 7.87 22.74 12.45
N SER A 427 8.25 24.01 12.36
CA SER A 427 7.42 25.09 12.86
C SER A 427 6.33 25.53 11.89
N ASP A 428 6.32 24.95 10.68
CA ASP A 428 5.32 25.30 9.70
C ASP A 428 4.98 24.07 8.86
N ILE A 429 3.93 23.34 9.25
CA ILE A 429 3.54 22.12 8.56
C ILE A 429 2.84 22.35 7.23
N GLU A 430 2.57 23.61 6.90
CA GLU A 430 1.91 23.94 5.66
C GLU A 430 2.92 24.16 4.54
N VAL A 431 4.02 24.82 4.85
CA VAL A 431 5.03 25.10 3.84
C VAL A 431 6.10 24.02 3.78
N SER A 432 6.14 23.15 4.78
CA SER A 432 7.16 22.11 4.80
C SER A 432 6.76 20.82 5.50
N SER A 433 7.61 19.81 5.31
CA SER A 433 7.47 18.53 5.97
C SER A 433 8.90 18.07 6.18
N ALA A 434 9.14 17.40 7.30
CA ALA A 434 10.47 16.91 7.61
C ALA A 434 10.37 15.62 8.42
N TYR A 435 11.14 14.62 8.01
CA TYR A 435 11.15 13.33 8.68
C TYR A 435 12.61 12.99 8.95
N ALA A 436 12.87 12.44 10.13
CA ALA A 436 14.24 12.08 10.47
C ALA A 436 14.31 10.62 10.90
N SER A 437 15.47 10.00 10.68
CA SER A 437 15.68 8.61 11.05
C SER A 437 17.15 8.28 11.27
N ILE A 438 17.37 7.17 11.96
CA ILE A 438 18.72 6.67 12.21
C ILE A 438 18.69 5.21 11.82
N VAL A 439 19.83 4.52 11.90
CA VAL A 439 19.90 3.11 11.54
C VAL A 439 19.95 2.25 12.80
N GLY A 440 18.93 1.42 12.99
CA GLY A 440 18.90 0.58 14.18
C GLY A 440 18.79 1.45 15.42
N GLU A 441 19.74 1.32 16.34
CA GLU A 441 19.75 2.09 17.58
C GLU A 441 20.92 3.08 17.54
N ASP A 442 21.56 3.21 16.39
CA ASP A 442 22.74 4.05 16.21
C ASP A 442 22.48 5.38 15.50
N ASP A 443 22.74 6.49 16.18
CA ASP A 443 22.52 7.79 15.56
C ASP A 443 23.77 8.38 14.90
N SER A 444 24.76 7.53 14.63
N SER A 444 24.76 7.54 14.63
CA SER A 444 26.00 7.99 14.01
CA SER A 444 25.99 8.00 14.00
C SER A 444 25.71 8.67 12.67
C SER A 444 25.70 8.69 12.68
N LYS A 445 24.71 8.19 11.96
CA LYS A 445 24.31 8.78 10.69
C LYS A 445 22.85 9.15 10.83
N LEU A 446 22.55 10.43 10.70
CA LEU A 446 21.19 10.93 10.82
C LEU A 446 20.63 11.29 9.45
N HIS A 447 19.52 10.66 9.09
CA HIS A 447 18.86 10.89 7.81
C HIS A 447 17.69 11.84 7.97
N ILE A 448 17.57 12.79 7.05
CA ILE A 448 16.49 13.76 7.11
C ILE A 448 15.86 13.98 5.75
N ILE A 449 14.55 13.77 5.65
CA ILE A 449 13.84 14.04 4.41
C ILE A 449 13.28 15.43 4.65
N LEU A 450 13.64 16.39 3.80
CA LEU A 450 13.18 17.77 3.94
C LEU A 450 12.44 18.19 2.68
N LEU A 451 11.16 18.48 2.84
CA LEU A 451 10.31 18.87 1.73
C LEU A 451 9.86 20.33 1.79
N ASN A 452 10.17 21.10 0.74
CA ASN A 452 9.75 22.49 0.71
C ASN A 452 8.55 22.58 -0.23
N LYS A 453 7.37 22.81 0.35
CA LYS A 453 6.13 22.90 -0.41
C LYS A 453 5.85 24.32 -0.90
N ASN A 454 6.74 25.26 -0.57
CA ASN A 454 6.58 26.64 -1.01
C ASN A 454 6.57 26.59 -2.55
N TYR A 455 5.51 27.09 -3.16
CA TYR A 455 5.40 27.02 -4.62
C TYR A 455 6.32 27.91 -5.45
N ASP A 456 6.52 29.16 -5.03
CA ASP A 456 7.36 30.06 -5.82
C ASP A 456 8.42 30.83 -5.07
N GLN A 457 8.78 30.36 -3.87
CA GLN A 457 9.81 31.04 -3.09
C GLN A 457 10.65 30.01 -2.34
N PRO A 458 11.93 30.33 -2.09
CA PRO A 458 12.78 29.38 -1.37
C PRO A 458 12.34 29.45 0.08
N THR A 459 12.76 28.48 0.88
CA THR A 459 12.43 28.48 2.30
C THR A 459 13.73 28.24 3.04
N THR A 460 13.99 29.08 4.05
CA THR A 460 15.20 28.93 4.84
C THR A 460 14.86 28.13 6.09
N PHE A 461 15.60 27.05 6.29
CA PHE A 461 15.38 26.18 7.44
C PHE A 461 16.51 26.27 8.45
N ASN A 462 16.15 26.55 9.70
CA ASN A 462 17.12 26.63 10.77
C ASN A 462 16.99 25.33 11.56
N PHE A 463 18.02 24.49 11.46
CA PHE A 463 18.02 23.20 12.13
C PHE A 463 18.67 23.21 13.51
N SER A 464 18.03 22.54 14.45
N SER A 464 18.03 22.54 14.45
CA SER A 464 18.52 22.42 15.82
CA SER A 464 18.54 22.42 15.81
C SER A 464 18.39 20.94 16.15
C SER A 464 18.39 20.94 16.14
N ILE A 465 19.53 20.28 16.34
CA ILE A 465 19.52 18.85 16.62
C ILE A 465 20.12 18.45 17.97
N ASP A 466 19.42 17.55 18.66
CA ASP A 466 19.87 17.03 19.95
C ASP A 466 20.32 15.60 19.66
N SER A 467 21.62 15.34 19.82
CA SER A 467 22.16 14.02 19.55
C SER A 467 23.38 13.73 20.41
N SER A 468 23.75 12.45 20.52
CA SER A 468 24.91 12.05 21.29
C SER A 468 26.16 12.20 20.42
N LYS A 469 25.93 12.54 19.16
CA LYS A 469 27.02 12.71 18.20
C LYS A 469 27.11 14.16 17.74
N ASN A 470 28.31 14.59 17.37
N ASN A 470 28.31 14.59 17.37
CA ASN A 470 28.53 15.96 16.88
CA ASN A 470 28.53 15.96 16.89
C ASN A 470 28.70 15.90 15.37
C ASN A 470 28.69 15.92 15.38
N TYR A 471 27.60 16.16 14.65
CA TYR A 471 27.64 16.12 13.20
C TYR A 471 28.50 17.24 12.61
N THR A 472 29.31 16.87 11.62
CA THR A 472 30.21 17.82 10.97
C THR A 472 29.93 18.03 9.49
N ILE A 473 29.19 17.11 8.87
CA ILE A 473 28.86 17.25 7.46
C ILE A 473 27.52 16.63 7.12
N GLY A 474 26.82 17.26 6.18
CA GLY A 474 25.54 16.76 5.76
C GLY A 474 25.50 16.67 4.25
N ASN A 475 25.61 15.46 3.72
CA ASN A 475 25.56 15.31 2.27
C ASN A 475 24.11 15.39 1.85
N VAL A 476 23.86 15.92 0.66
CA VAL A 476 22.50 16.12 0.20
C VAL A 476 22.21 15.59 -1.20
N TRP A 477 21.03 14.97 -1.33
CA TRP A 477 20.56 14.46 -2.61
C TRP A 477 19.16 15.04 -2.75
N ALA A 478 18.77 15.41 -3.97
CA ALA A 478 17.45 16.00 -4.14
C ALA A 478 16.92 15.97 -5.55
N PHE A 479 15.62 16.23 -5.66
CA PHE A 479 14.98 16.33 -6.97
C PHE A 479 14.11 17.59 -6.91
N ASP A 480 13.83 18.14 -8.08
CA ASP A 480 13.04 19.36 -8.17
C ASP A 480 12.42 19.47 -9.55
N ARG A 481 11.92 20.65 -9.89
CA ARG A 481 11.31 20.85 -11.20
C ARG A 481 12.29 20.71 -12.36
N GLY A 482 13.57 20.86 -12.07
CA GLY A 482 14.56 20.72 -13.13
C GLY A 482 14.67 19.29 -13.64
N SER A 483 14.49 18.33 -12.73
CA SER A 483 14.58 16.92 -13.11
C SER A 483 14.08 16.00 -12.01
N SER A 484 13.49 14.88 -12.42
CA SER A 484 13.02 13.89 -11.46
C SER A 484 14.20 13.00 -11.06
N ASN A 485 15.33 13.15 -11.73
CA ASN A 485 16.51 12.37 -11.37
C ASN A 485 17.03 12.95 -10.06
N ILE A 486 17.33 12.09 -9.10
CA ILE A 486 17.85 12.57 -7.81
C ILE A 486 19.34 12.84 -8.00
N THR A 487 19.76 14.06 -7.71
CA THR A 487 21.16 14.42 -7.89
C THR A 487 21.79 14.91 -6.59
N GLN A 488 23.06 14.60 -6.41
CA GLN A 488 23.77 15.02 -5.21
C GLN A 488 24.04 16.51 -5.30
N ARG A 489 23.85 17.22 -4.19
CA ARG A 489 24.06 18.65 -4.14
C ARG A 489 25.25 18.98 -3.27
N THR A 490 25.59 20.26 -3.18
CA THR A 490 26.72 20.70 -2.37
C THR A 490 26.45 20.32 -0.91
N PRO A 491 27.42 19.69 -0.25
CA PRO A 491 27.24 19.31 1.15
C PRO A 491 27.13 20.46 2.14
N ILE A 492 26.39 20.24 3.22
CA ILE A 492 26.23 21.21 4.29
C ILE A 492 27.47 21.02 5.16
N VAL A 493 28.24 22.08 5.39
CA VAL A 493 29.46 21.95 6.18
C VAL A 493 29.61 22.84 7.40
N ASN A 494 28.79 23.89 7.52
CA ASN A 494 28.94 24.74 8.69
C ASN A 494 27.93 24.42 9.76
N ILE A 495 28.23 23.37 10.52
CA ILE A 495 27.37 22.93 11.60
C ILE A 495 28.02 23.31 12.92
N LYS A 496 27.33 24.15 13.69
CA LYS A 496 27.84 24.61 14.98
C LYS A 496 26.99 24.02 16.11
N ASP A 497 27.60 23.17 16.92
CA ASP A 497 26.88 22.55 18.04
C ASP A 497 25.58 21.95 17.54
N ASN A 498 25.67 21.20 16.45
CA ASN A 498 24.53 20.54 15.83
C ASN A 498 23.41 21.45 15.34
N THR A 499 23.78 22.66 14.93
CA THR A 499 22.80 23.59 14.39
C THR A 499 23.34 24.07 13.05
N PHE A 500 22.45 24.37 12.13
CA PHE A 500 22.85 24.88 10.82
C PHE A 500 21.64 25.46 10.12
N THR A 501 21.88 26.26 9.10
CA THR A 501 20.81 26.89 8.33
C THR A 501 20.95 26.44 6.89
N TYR A 502 19.85 26.01 6.30
CA TYR A 502 19.86 25.52 4.93
C TYR A 502 18.65 26.04 4.19
N THR A 503 18.90 26.80 3.13
CA THR A 503 17.82 27.35 2.32
C THR A 503 17.60 26.45 1.12
N VAL A 504 16.35 26.03 0.96
CA VAL A 504 15.94 25.13 -0.11
C VAL A 504 15.08 25.86 -1.14
N PRO A 505 15.35 25.66 -2.43
CA PRO A 505 14.56 26.33 -3.47
C PRO A 505 13.10 25.88 -3.37
N ALA A 506 12.21 26.63 -4.00
CA ALA A 506 10.80 26.27 -4.00
C ALA A 506 10.64 24.88 -4.60
N LEU A 507 9.59 24.18 -4.17
CA LEU A 507 9.26 22.85 -4.65
C LEU A 507 10.45 21.93 -4.87
N THR A 508 11.13 21.62 -3.78
CA THR A 508 12.31 20.76 -3.82
C THR A 508 12.17 19.72 -2.72
N ALA A 509 12.63 18.51 -2.99
CA ALA A 509 12.59 17.41 -2.03
C ALA A 509 14.05 16.99 -1.80
N CYS A 510 14.48 17.03 -0.54
CA CYS A 510 15.86 16.70 -0.20
C CYS A 510 15.99 15.55 0.77
N HIS A 511 17.14 14.87 0.72
CA HIS A 511 17.47 13.81 1.64
C HIS A 511 18.87 14.21 2.13
N ILE A 512 18.94 14.58 3.40
CA ILE A 512 20.19 15.00 4.01
C ILE A 512 20.73 13.87 4.88
N VAL A 513 22.03 13.61 4.78
CA VAL A 513 22.64 12.56 5.57
C VAL A 513 23.76 13.19 6.40
N LEU A 514 23.53 13.31 7.69
CA LEU A 514 24.50 13.91 8.60
C LEU A 514 25.41 12.85 9.23
N GLU A 515 26.69 13.17 9.32
CA GLU A 515 27.69 12.26 9.90
C GLU A 515 28.68 13.04 10.75
#